data_7C47
#
_entry.id   7C47
#
_cell.length_a   52.333
_cell.length_b   77.350
_cell.length_c   102.336
_cell.angle_alpha   90.000
_cell.angle_beta   90.000
_cell.angle_gamma   90.000
#
_symmetry.space_group_name_H-M   'P 21 21 21'
#
loop_
_entity.id
_entity.type
_entity.pdbx_description
1 polymer 'CCHC-type domain-containing protein'
2 non-polymer 'ZINC ION'
3 non-polymer "CYTIDINE-5'-MONOPHOSPHATE"
4 non-polymer 'MANGANESE (II) ION'
5 water water
#
_entity_poly.entity_id   1
_entity_poly.type   'polypeptide(L)'
_entity_poly.pdbx_seq_one_letter_code
;TSSATSSSS(MSE)ILKYPYRVVDTHEKLKEAVTSLQGARSIALDIEAFCTTDQAKQLGRISLVQACSDAKPVVFLFDVL
TLTPDVFVKD(MSE)QSLLSDREIRKLFFDCRRDVEALSCQLGVKPEGVLDLQVFFTAIQWKLRSVNRRSG(MSE)GYVL
KSVAGLTRQEGDSAVQTA(MSE)TLGNRPVWDIRPLPDHFLEYAAGDVRHILLLSNYLVGNKDVPVDVVAVERLTAQYVE
HYAVGKPVITEADATPAEVNRAWLERYIGPGGGCHFCGAKGHTEAECFKKQNGKAKCSFCGEVGHTARNCFKKHPQLLTC
EKCGQLGHTGTSCFRTNPCKHCGGPHSSANCHKVIWQQKRLGENSLH
;
_entity_poly.pdbx_strand_id   A
#
# COMPACT_ATOMS: atom_id res chain seq x y z
N SER A 8 -13.35 10.06 3.01
CA SER A 8 -13.00 8.70 2.49
C SER A 8 -13.52 8.48 1.07
N SER A 9 -14.84 8.61 0.90
CA SER A 9 -15.48 8.50 -0.42
C SER A 9 -15.12 9.69 -1.33
N ILE A 11 -12.17 11.24 -1.54
CA ILE A 11 -10.82 11.06 -2.10
C ILE A 11 -10.82 10.36 -3.47
N LEU A 12 -11.70 9.38 -3.65
CA LEU A 12 -11.80 8.64 -4.92
C LEU A 12 -12.30 9.50 -6.09
N LYS A 13 -12.95 10.62 -5.80
CA LYS A 13 -13.44 11.55 -6.82
C LYS A 13 -12.51 12.74 -7.10
N TYR A 14 -11.28 12.70 -6.59
CA TYR A 14 -10.30 13.76 -6.87
C TYR A 14 -9.90 13.71 -8.35
N PRO A 15 -10.01 14.85 -9.06
CA PRO A 15 -9.58 14.88 -10.46
C PRO A 15 -8.07 15.04 -10.55
N TYR A 16 -7.49 14.59 -11.67
CA TYR A 16 -6.05 14.74 -11.91
C TYR A 16 -5.73 16.06 -12.61
N ARG A 17 -4.61 16.67 -12.21
CA ARG A 17 -4.07 17.87 -12.86
C ARG A 17 -2.68 17.52 -13.36
N VAL A 18 -2.48 17.60 -14.68
CA VAL A 18 -1.18 17.33 -15.30
C VAL A 18 -0.27 18.52 -15.04
N VAL A 19 0.93 18.24 -14.52
CA VAL A 19 1.93 19.26 -14.22
C VAL A 19 3.11 19.07 -15.17
N ASP A 20 3.19 19.91 -16.20
CA ASP A 20 4.21 19.81 -17.25
C ASP A 20 4.91 21.14 -17.60
N THR A 21 4.75 22.15 -16.75
CA THR A 21 5.44 23.44 -16.91
C THR A 21 6.03 23.85 -15.58
N HIS A 22 7.00 24.77 -15.61
CA HIS A 22 7.61 25.30 -14.39
C HIS A 22 6.60 26.04 -13.51
N GLU A 23 5.64 26.72 -14.12
CA GLU A 23 4.61 27.46 -13.40
C GLU A 23 3.67 26.52 -12.62
N LYS A 24 3.21 25.48 -13.30
CA LYS A 24 2.38 24.44 -12.65
C LYS A 24 3.12 23.68 -11.55
N LEU A 25 4.43 23.48 -11.72
CA LEU A 25 5.27 22.81 -10.72
C LEU A 25 5.39 23.64 -9.44
N LYS A 26 5.60 24.94 -9.59
CA LYS A 26 5.67 25.85 -8.44
C LYS A 26 4.35 25.88 -7.65
N GLU A 27 3.24 25.90 -8.37
CA GLU A 27 1.91 25.88 -7.74
C GLU A 27 1.64 24.54 -7.02
N ALA A 28 2.02 23.44 -7.66
CA ALA A 28 1.86 22.10 -7.07
C ALA A 28 2.69 21.92 -5.80
N VAL A 29 3.92 22.41 -5.82
CA VAL A 29 4.83 22.38 -4.66
C VAL A 29 4.22 23.13 -3.47
N THR A 30 3.72 24.34 -3.73
CA THR A 30 3.08 25.18 -2.70
C THR A 30 1.95 24.45 -1.98
N SER A 31 1.11 23.75 -2.75
CA SER A 31 0.02 22.95 -2.19
C SER A 31 0.54 21.80 -1.32
N LEU A 32 1.41 20.98 -1.91
CA LEU A 32 2.00 19.83 -1.21
C LEU A 32 2.84 20.22 0.02
N GLN A 33 3.39 21.43 0.02
CA GLN A 33 4.12 21.97 1.19
C GLN A 33 3.28 22.12 2.46
N GLY A 34 1.98 22.37 2.29
CA GLY A 34 1.04 22.46 3.41
C GLY A 34 0.39 21.16 3.88
N ALA A 35 0.83 20.03 3.33
CA ALA A 35 0.25 18.72 3.67
C ALA A 35 0.92 18.10 4.89
N ARG A 36 0.16 17.26 5.59
CA ARG A 36 0.70 16.37 6.62
C ARG A 36 1.10 15.03 6.00
N SER A 37 0.33 14.56 5.01
CA SER A 37 0.60 13.30 4.31
C SER A 37 0.50 13.47 2.80
N ILE A 38 1.41 12.82 2.06
CA ILE A 38 1.39 12.83 0.60
C ILE A 38 1.52 11.39 0.07
N ALA A 39 0.49 10.92 -0.62
CA ALA A 39 0.55 9.62 -1.31
C ALA A 39 1.39 9.76 -2.57
N LEU A 40 2.31 8.82 -2.79
CA LEU A 40 3.23 8.89 -3.93
C LEU A 40 3.23 7.59 -4.72
N ASP A 41 3.47 7.71 -6.03
CA ASP A 41 3.61 6.57 -6.94
C ASP A 41 4.40 7.03 -8.17
N ILE A 42 4.85 6.07 -8.98
CA ILE A 42 5.62 6.32 -10.20
C ILE A 42 5.04 5.50 -11.37
N GLU A 43 5.04 6.08 -12.57
CA GLU A 43 4.86 5.31 -13.80
C GLU A 43 6.17 5.41 -14.57
N ALA A 44 6.74 4.25 -14.91
CA ALA A 44 8.03 4.16 -15.58
C ALA A 44 7.89 3.44 -16.91
N PHE A 45 8.89 3.63 -17.78
CA PHE A 45 8.97 2.92 -19.07
C PHE A 45 9.05 1.42 -18.79
N CYS A 46 8.23 0.64 -19.50
CA CYS A 46 8.34 -0.83 -19.45
C CYS A 46 9.64 -1.23 -20.14
N THR A 47 10.35 -2.19 -19.55
CA THR A 47 11.67 -2.62 -20.06
C THR A 47 11.59 -3.91 -20.87
N THR A 48 12.56 -4.08 -21.79
CA THR A 48 12.73 -5.31 -22.58
C THR A 48 13.04 -6.52 -21.69
N ASP A 49 13.83 -6.28 -20.65
CA ASP A 49 14.17 -7.29 -19.64
C ASP A 49 12.93 -7.72 -18.83
N GLN A 50 12.01 -6.77 -18.58
CA GLN A 50 10.92 -6.92 -17.61
C GLN A 50 11.52 -7.08 -16.20
N ALA A 51 12.59 -6.32 -15.95
CA ALA A 51 13.47 -6.55 -14.80
C ALA A 51 12.91 -5.98 -13.51
N LYS A 52 13.60 -6.28 -12.40
CA LYS A 52 13.27 -5.73 -11.09
C LYS A 52 13.39 -4.20 -11.11
N GLN A 53 14.51 -3.69 -11.60
CA GLN A 53 14.76 -2.23 -11.64
C GLN A 53 13.80 -1.54 -12.61
N LEU A 54 13.11 -0.50 -12.14
CA LEU A 54 12.19 0.27 -12.97
C LEU A 54 12.92 0.95 -14.10
N GLY A 55 12.23 1.12 -15.23
CA GLY A 55 12.78 1.85 -16.36
C GLY A 55 12.73 3.35 -16.11
N ARG A 56 12.93 4.10 -17.19
CA ARG A 56 12.98 5.55 -17.14
C ARG A 56 11.69 6.12 -16.56
N ILE A 57 11.82 7.02 -15.58
CA ILE A 57 10.66 7.64 -14.92
C ILE A 57 9.94 8.54 -15.92
N SER A 58 8.63 8.32 -16.06
CA SER A 58 7.78 9.10 -16.95
C SER A 58 6.92 10.06 -16.16
N LEU A 59 6.21 9.51 -15.17
CA LEU A 59 5.38 10.30 -14.27
C LEU A 59 5.72 10.03 -12.81
N VAL A 60 5.56 11.05 -11.97
CA VAL A 60 5.45 10.86 -10.52
C VAL A 60 4.08 11.39 -10.11
N GLN A 61 3.31 10.54 -9.43
CA GLN A 61 1.95 10.88 -9.00
C GLN A 61 1.96 11.28 -7.52
N ALA A 62 1.23 12.35 -7.19
CA ALA A 62 1.14 12.84 -5.81
C ALA A 62 -0.29 13.27 -5.48
N CYS A 63 -0.75 12.86 -4.29
CA CYS A 63 -2.08 13.16 -3.82
C CYS A 63 -2.02 13.32 -2.31
N SER A 64 -2.25 14.55 -1.83
CA SER A 64 -2.14 14.87 -0.41
C SER A 64 -3.49 15.21 0.23
N ASP A 65 -3.45 15.39 1.55
CA ASP A 65 -4.60 15.85 2.34
C ASP A 65 -4.83 17.38 2.28
N ALA A 66 -3.84 18.13 1.75
CA ALA A 66 -3.92 19.59 1.69
C ALA A 66 -4.88 20.13 0.61
N LYS A 67 -5.18 19.33 -0.42
CA LYS A 67 -5.98 19.80 -1.56
C LYS A 67 -6.65 18.62 -2.28
N PRO A 68 -7.93 18.76 -2.67
CA PRO A 68 -8.64 17.67 -3.34
C PRO A 68 -8.26 17.53 -4.82
N VAL A 69 -7.09 16.94 -5.06
CA VAL A 69 -6.53 16.83 -6.42
C VAL A 69 -5.42 15.76 -6.46
N VAL A 70 -5.20 15.19 -7.63
CA VAL A 70 -4.06 14.30 -7.89
C VAL A 70 -3.12 15.01 -8.86
N PHE A 71 -1.90 15.30 -8.41
CA PHE A 71 -0.88 15.88 -9.27
C PHE A 71 -0.20 14.77 -10.06
N LEU A 72 -0.16 14.93 -11.38
CA LEU A 72 0.59 14.03 -12.26
C LEU A 72 1.76 14.82 -12.81
N PHE A 73 2.93 14.66 -12.18
CA PHE A 73 4.14 15.37 -12.60
C PHE A 73 4.75 14.68 -13.80
N ASP A 74 4.72 15.37 -14.94
CA ASP A 74 5.35 14.87 -16.16
C ASP A 74 6.85 15.13 -16.04
N VAL A 75 7.56 14.15 -15.48
CA VAL A 75 9.00 14.24 -15.25
C VAL A 75 9.75 14.24 -16.60
N LEU A 76 9.24 13.45 -17.54
CA LEU A 76 9.79 13.41 -18.90
C LEU A 76 9.82 14.80 -19.56
N THR A 77 8.72 15.55 -19.47
CA THR A 77 8.63 16.89 -20.08
C THR A 77 9.38 17.93 -19.25
N LEU A 78 9.18 17.96 -17.96
CA LEU A 78 9.85 18.89 -17.10
C LEU A 78 11.36 18.70 -17.05
N THR A 79 11.76 17.44 -17.07
CA THR A 79 13.08 16.81 -16.93
C THR A 79 13.31 16.55 -15.43
N PRO A 80 14.11 15.56 -15.10
CA PRO A 80 14.39 15.27 -13.69
C PRO A 80 15.04 16.45 -12.96
N ASP A 81 15.91 17.19 -13.61
CA ASP A 81 16.55 18.29 -12.97
C ASP A 81 15.58 19.37 -12.48
N VAL A 82 14.63 19.74 -13.30
CA VAL A 82 13.64 20.71 -12.93
C VAL A 82 12.72 20.21 -11.84
N PHE A 83 12.27 18.99 -11.97
CA PHE A 83 11.44 18.33 -10.97
C PHE A 83 12.11 18.20 -9.61
N VAL A 84 13.39 17.81 -9.59
CA VAL A 84 14.15 17.64 -8.34
C VAL A 84 14.38 18.97 -7.62
N LYS A 85 14.81 20.00 -8.35
CA LYS A 85 15.08 21.32 -7.76
C LYS A 85 13.92 21.87 -6.92
N ASP A 86 12.68 21.64 -7.38
CA ASP A 86 11.48 22.12 -6.69
C ASP A 86 10.89 21.13 -5.66
N GLN A 88 12.77 18.50 -3.96
CA GLN A 88 13.76 17.82 -3.12
C GLN A 88 13.54 18.00 -1.62
N SER A 89 13.39 19.24 -1.18
CA SER A 89 13.25 19.54 0.26
C SER A 89 11.93 19.01 0.81
N LEU A 90 10.90 19.04 -0.01
CA LEU A 90 9.60 18.45 0.30
C LEU A 90 9.71 16.94 0.53
N LEU A 91 10.40 16.25 -0.38
CA LEU A 91 10.68 14.83 -0.25
C LEU A 91 11.60 14.51 0.95
N SER A 92 12.52 15.43 1.25
CA SER A 92 13.46 15.31 2.38
C SER A 92 12.90 15.73 3.74
N ASP A 93 11.72 16.36 3.75
CA ASP A 93 11.10 16.85 4.99
C ASP A 93 10.42 15.70 5.73
N ARG A 94 11.02 15.27 6.85
CA ARG A 94 10.48 14.16 7.66
C ARG A 94 9.13 14.50 8.34
N GLU A 95 8.83 15.78 8.52
CA GLU A 95 7.57 16.21 9.13
C GLU A 95 6.35 16.00 8.22
N ILE A 96 6.57 15.82 6.92
CA ILE A 96 5.51 15.47 5.98
C ILE A 96 5.65 13.99 5.63
N ARG A 97 4.61 13.20 5.93
CA ARG A 97 4.63 11.76 5.70
C ARG A 97 4.44 11.44 4.22
N LYS A 98 5.31 10.59 3.66
CA LYS A 98 5.18 10.14 2.27
C LYS A 98 4.62 8.72 2.27
N LEU A 99 3.42 8.55 1.72
CA LEU A 99 2.75 7.27 1.71
C LEU A 99 3.02 6.52 0.41
N PHE A 100 3.35 5.25 0.54
CA PHE A 100 3.59 4.36 -0.57
C PHE A 100 2.88 3.02 -0.38
N PHE A 101 2.61 2.35 -1.47
CA PHE A 101 2.13 0.99 -1.43
C PHE A 101 3.21 0.20 -2.17
N ASP A 102 4.07 -0.49 -1.42
CA ASP A 102 5.29 -1.19 -1.85
C ASP A 102 6.21 -0.13 -2.42
N CYS A 103 7.12 0.34 -1.60
CA CYS A 103 8.02 1.41 -1.97
C CYS A 103 9.37 1.00 -2.52
N ARG A 104 9.63 -0.30 -2.55
CA ARG A 104 10.99 -0.81 -2.81
C ARG A 104 11.58 -0.29 -4.12
N ARG A 105 10.89 -0.61 -5.22
CA ARG A 105 11.31 -0.19 -6.57
C ARG A 105 11.26 1.32 -6.77
N ASP A 106 10.22 1.97 -6.24
CA ASP A 106 10.07 3.42 -6.35
C ASP A 106 11.21 4.17 -5.68
N VAL A 107 11.59 3.68 -4.50
CA VAL A 107 12.67 4.29 -3.72
C VAL A 107 14.01 4.11 -4.45
N GLU A 108 14.25 2.92 -5.00
CA GLU A 108 15.40 2.67 -5.86
C GLU A 108 15.45 3.64 -7.04
N ALA A 109 14.31 3.82 -7.69
CA ALA A 109 14.22 4.71 -8.85
C ALA A 109 14.48 6.19 -8.48
N LEU A 110 13.91 6.65 -7.36
CA LEU A 110 14.13 8.02 -6.89
C LEU A 110 15.60 8.27 -6.53
N SER A 111 16.23 7.28 -5.90
CA SER A 111 17.65 7.34 -5.57
C SER A 111 18.51 7.34 -6.82
N CYS A 112 18.32 6.34 -7.69
CA CYS A 112 19.14 6.17 -8.90
C CYS A 112 18.95 7.24 -9.96
N GLN A 113 17.68 7.53 -10.29
CA GLN A 113 17.37 8.43 -11.42
C GLN A 113 17.28 9.89 -11.01
N LEU A 114 16.71 10.17 -9.84
CA LEU A 114 16.54 11.57 -9.38
C LEU A 114 17.54 12.03 -8.33
N GLY A 115 18.35 11.12 -7.80
CA GLY A 115 19.35 11.47 -6.79
C GLY A 115 18.81 11.80 -5.41
N VAL A 116 17.56 11.43 -5.12
CA VAL A 116 16.89 11.83 -3.87
C VAL A 116 16.47 10.62 -3.03
N LYS A 117 16.69 10.73 -1.72
CA LYS A 117 16.20 9.75 -0.75
C LYS A 117 15.07 10.41 0.05
N PRO A 118 13.84 9.86 -0.04
CA PRO A 118 12.75 10.47 0.72
C PRO A 118 12.87 10.19 2.22
N GLU A 119 12.32 11.09 3.03
CA GLU A 119 12.34 10.99 4.48
C GLU A 119 10.90 11.07 4.98
N GLY A 120 10.59 10.34 6.05
CA GLY A 120 9.23 10.25 6.59
C GLY A 120 8.32 9.34 5.78
N VAL A 121 8.87 8.22 5.31
CA VAL A 121 8.15 7.29 4.45
C VAL A 121 7.30 6.35 5.30
N LEU A 122 6.08 6.05 4.81
CA LEU A 122 5.25 5.00 5.39
C LEU A 122 4.71 4.12 4.26
N ASP A 123 5.00 2.82 4.33
CA ASP A 123 4.63 1.86 3.30
C ASP A 123 3.39 1.08 3.77
N LEU A 124 2.26 1.37 3.15
CA LEU A 124 0.97 0.80 3.58
C LEU A 124 0.83 -0.69 3.28
N GLN A 125 1.55 -1.20 2.28
CA GLN A 125 1.59 -2.64 2.04
C GLN A 125 2.26 -3.32 3.23
N VAL A 126 3.40 -2.78 3.65
CA VAL A 126 4.15 -3.29 4.81
C VAL A 126 3.31 -3.16 6.09
N PHE A 127 2.61 -2.04 6.23
CA PHE A 127 1.65 -1.84 7.34
C PHE A 127 0.66 -3.01 7.41
N PHE A 128 0.02 -3.34 6.28
CA PHE A 128 -0.94 -4.43 6.25
C PHE A 128 -0.30 -5.75 6.65
N THR A 129 0.87 -6.04 6.09
CA THR A 129 1.62 -7.27 6.43
C THR A 129 2.02 -7.30 7.91
N ALA A 130 2.34 -6.13 8.47
CA ALA A 130 2.67 -6.01 9.89
C ALA A 130 1.48 -6.34 10.80
N ILE A 131 0.27 -5.96 10.37
CA ILE A 131 -0.96 -6.35 11.07
C ILE A 131 -1.14 -7.88 10.97
N GLN A 132 -0.95 -8.43 9.77
CA GLN A 132 -1.01 -9.88 9.56
C GLN A 132 0.05 -10.64 10.36
N TRP A 133 1.23 -10.05 10.52
CA TRP A 133 2.29 -10.65 11.34
C TRP A 133 1.90 -10.69 12.82
N LYS A 134 1.47 -9.54 13.32
CA LYS A 134 1.03 -9.37 14.72
C LYS A 134 -0.07 -10.37 15.10
N LEU A 135 -1.05 -10.54 14.22
CA LEU A 135 -2.23 -11.39 14.51
C LEU A 135 -2.07 -12.86 14.10
N ARG A 136 -1.33 -13.12 13.03
CA ARG A 136 -1.32 -14.46 12.41
C ARG A 136 0.06 -15.06 12.09
N SER A 137 1.16 -14.38 12.44
CA SER A 137 2.51 -14.76 12.00
C SER A 137 2.64 -14.94 10.48
N VAL A 138 1.87 -14.17 9.72
CA VAL A 138 1.88 -14.20 8.25
C VAL A 138 2.75 -13.03 7.79
N ASN A 139 3.74 -13.31 6.95
CA ASN A 139 4.64 -12.27 6.40
C ASN A 139 4.45 -12.00 4.90
N ARG A 140 3.34 -12.45 4.33
CA ARG A 140 3.04 -12.24 2.92
C ARG A 140 2.62 -10.80 2.64
N ARG A 141 3.04 -10.29 1.49
CA ARG A 141 2.57 -9.02 0.97
C ARG A 141 1.31 -9.27 0.18
N SER A 142 0.30 -8.42 0.35
CA SER A 142 -0.94 -8.49 -0.39
C SER A 142 -1.05 -7.36 -1.41
N GLY A 143 -1.74 -7.63 -2.52
CA GLY A 143 -2.01 -6.64 -3.55
C GLY A 143 -2.97 -5.56 -3.10
N GLY A 145 -5.81 -4.44 -4.35
CA GLY A 145 -7.22 -4.86 -4.36
C GLY A 145 -7.62 -5.63 -3.11
N TYR A 146 -6.80 -6.60 -2.72
CA TYR A 146 -7.03 -7.37 -1.49
C TYR A 146 -7.07 -6.49 -0.24
N VAL A 147 -6.14 -5.51 -0.15
CA VAL A 147 -6.03 -4.64 1.03
C VAL A 147 -7.20 -3.67 1.15
N LEU A 148 -7.62 -3.08 0.02
CA LEU A 148 -8.80 -2.22 -0.02
C LEU A 148 -10.07 -2.97 0.43
N LYS A 149 -10.24 -4.19 -0.08
CA LYS A 149 -11.34 -5.08 0.33
C LYS A 149 -11.29 -5.37 1.83
N SER A 150 -10.15 -5.87 2.30
CA SER A 150 -9.99 -6.30 3.69
C SER A 150 -10.12 -5.16 4.71
N VAL A 151 -9.58 -3.98 4.39
CA VAL A 151 -9.52 -2.86 5.34
C VAL A 151 -10.72 -1.92 5.22
N ALA A 152 -11.06 -1.52 4.00
CA ALA A 152 -12.12 -0.53 3.75
C ALA A 152 -13.46 -1.12 3.30
N GLY A 153 -13.45 -2.34 2.78
CA GLY A 153 -14.67 -2.98 2.24
C GLY A 153 -14.96 -2.69 0.78
N LEU A 154 -14.08 -1.96 0.11
CA LEU A 154 -14.28 -1.54 -1.29
C LEU A 154 -13.76 -2.59 -2.27
N THR A 155 -14.39 -2.63 -3.42
CA THR A 155 -13.89 -3.42 -4.49
C THR A 155 -13.54 -2.38 -5.52
N ARG A 156 -12.30 -2.44 -6.00
CA ARG A 156 -11.81 -1.52 -7.00
C ARG A 156 -12.37 -1.87 -8.36
N GLN A 157 -12.48 -0.90 -9.23
CA GLN A 157 -13.01 -1.07 -10.57
C GLN A 157 -12.23 -1.99 -11.51
N GLU A 158 -10.91 -1.96 -11.35
CA GLU A 158 -9.80 -2.63 -12.09
C GLU A 158 -9.37 -1.72 -13.22
N GLY A 159 -8.12 -1.83 -13.62
CA GLY A 159 -7.55 -0.95 -14.62
C GLY A 159 -8.03 -1.18 -16.03
N ASP A 160 -7.78 -0.21 -16.89
CA ASP A 160 -8.14 -0.36 -18.28
C ASP A 160 -7.33 -1.53 -18.77
N SER A 161 -7.98 -2.41 -19.49
CA SER A 161 -7.38 -3.68 -19.90
C SER A 161 -6.39 -3.51 -21.06
N ALA A 162 -6.67 -2.59 -21.97
CA ALA A 162 -5.76 -2.25 -23.08
C ALA A 162 -4.47 -1.59 -22.56
N VAL A 163 -4.61 -0.77 -21.52
CA VAL A 163 -3.47 -0.18 -20.82
C VAL A 163 -2.67 -1.29 -20.12
N GLN A 164 -3.38 -2.13 -19.37
CA GLN A 164 -2.76 -3.25 -18.63
C GLN A 164 -2.08 -4.27 -19.53
N THR A 165 -2.69 -4.58 -20.68
CA THR A 165 -2.12 -5.53 -21.65
C THR A 165 -0.83 -5.01 -22.27
N ALA A 166 -0.80 -3.72 -22.60
CA ALA A 166 0.41 -3.04 -23.10
C ALA A 166 1.58 -3.12 -22.12
N THR A 168 1.75 -5.43 -19.58
CA THR A 168 2.02 -6.87 -19.40
C THR A 168 2.84 -7.47 -20.53
N LEU A 169 2.66 -6.96 -21.76
CA LEU A 169 3.43 -7.41 -22.92
C LEU A 169 4.91 -7.01 -22.80
N GLY A 170 5.16 -5.74 -22.51
CA GLY A 170 6.51 -5.22 -22.26
C GLY A 170 7.44 -5.23 -23.46
N ASN A 171 6.87 -5.00 -24.65
CA ASN A 171 7.62 -4.93 -25.91
C ASN A 171 7.85 -3.47 -26.37
N ARG A 172 7.54 -2.52 -25.50
CA ARG A 172 7.40 -1.11 -25.87
C ARG A 172 7.41 -0.29 -24.58
N PRO A 173 7.97 0.95 -24.60
CA PRO A 173 8.00 1.72 -23.35
C PRO A 173 6.61 2.09 -22.79
N VAL A 174 5.66 2.39 -23.67
CA VAL A 174 4.26 2.75 -23.32
C VAL A 174 4.16 4.19 -22.81
N TRP A 175 4.82 4.48 -21.69
CA TRP A 175 4.75 5.79 -21.05
C TRP A 175 5.65 6.88 -21.66
N ASP A 176 6.41 6.54 -22.69
CA ASP A 176 7.18 7.53 -23.47
C ASP A 176 6.30 8.50 -24.27
N ILE A 177 5.17 8.01 -24.80
CA ILE A 177 4.37 8.77 -25.76
C ILE A 177 3.75 10.02 -25.13
N ARG A 178 3.81 11.13 -25.87
CA ARG A 178 3.26 12.43 -25.44
C ARG A 178 2.50 13.10 -26.59
N PRO A 179 1.34 13.71 -26.34
CA PRO A 179 0.68 13.75 -25.03
C PRO A 179 0.05 12.41 -24.67
N LEU A 180 -0.05 12.12 -23.38
CA LEU A 180 -0.64 10.88 -22.90
C LEU A 180 -2.16 10.89 -23.09
N PRO A 181 -2.75 9.79 -23.62
CA PRO A 181 -4.21 9.69 -23.67
C PRO A 181 -4.86 9.62 -22.28
N ASP A 182 -6.09 10.09 -22.19
CA ASP A 182 -6.81 10.22 -20.91
C ASP A 182 -6.89 8.91 -20.13
N HIS A 183 -7.12 7.80 -20.82
CA HIS A 183 -7.22 6.49 -20.18
C HIS A 183 -5.88 5.95 -19.61
N PHE A 184 -4.76 6.52 -20.07
CA PHE A 184 -3.46 6.33 -19.39
C PHE A 184 -3.33 7.27 -18.19
N LEU A 185 -3.72 8.54 -18.36
CA LEU A 185 -3.71 9.51 -17.27
C LEU A 185 -4.59 9.12 -16.08
N GLU A 186 -5.77 8.58 -16.37
CA GLU A 186 -6.67 8.05 -15.31
C GLU A 186 -6.07 6.82 -14.64
N TYR A 187 -5.49 5.92 -15.43
CA TYR A 187 -4.81 4.75 -14.89
C TYR A 187 -3.69 5.17 -13.92
N ALA A 188 -2.87 6.13 -14.36
CA ALA A 188 -1.76 6.64 -13.55
C ALA A 188 -2.24 7.27 -12.24
N ALA A 189 -3.35 7.98 -12.28
CA ALA A 189 -3.89 8.68 -11.10
C ALA A 189 -4.57 7.77 -10.07
N GLY A 190 -4.88 6.53 -10.44
CA GLY A 190 -5.68 5.64 -9.61
C GLY A 190 -5.07 5.22 -8.28
N ASP A 191 -3.82 4.74 -8.32
CA ASP A 191 -3.21 4.18 -7.10
C ASP A 191 -2.97 5.20 -5.97
N VAL A 192 -2.58 6.43 -6.30
CA VAL A 192 -2.38 7.46 -5.27
C VAL A 192 -3.66 7.87 -4.54
N ARG A 193 -4.81 7.81 -5.24
CA ARG A 193 -6.12 7.96 -4.58
C ARG A 193 -6.35 6.84 -3.55
N HIS A 194 -6.10 5.60 -3.98
CA HIS A 194 -6.26 4.43 -3.11
C HIS A 194 -5.33 4.47 -1.89
N ILE A 195 -4.08 4.91 -2.10
CA ILE A 195 -3.09 5.01 -1.02
C ILE A 195 -3.52 6.00 0.06
N LEU A 196 -3.93 7.20 -0.35
CA LEU A 196 -4.38 8.23 0.61
C LEU A 196 -5.65 7.80 1.35
N LEU A 197 -6.53 7.12 0.64
CA LEU A 197 -7.75 6.55 1.23
C LEU A 197 -7.41 5.51 2.30
N LEU A 198 -6.48 4.60 1.99
CA LEU A 198 -6.01 3.61 2.96
C LEU A 198 -5.42 4.23 4.22
N SER A 199 -4.69 5.33 4.09
CA SER A 199 -4.06 5.97 5.24
C SER A 199 -5.07 6.43 6.29
N ASN A 200 -6.26 6.85 5.86
CA ASN A 200 -7.35 7.22 6.78
C ASN A 200 -7.83 6.04 7.65
N TYR A 201 -7.81 4.84 7.09
CA TYR A 201 -8.18 3.62 7.84
C TYR A 201 -7.05 3.09 8.72
N LEU A 202 -5.81 3.16 8.24
CA LEU A 202 -4.66 2.58 8.96
C LEU A 202 -3.97 3.54 9.94
N VAL A 203 -3.94 4.84 9.63
CA VAL A 203 -3.25 5.84 10.48
C VAL A 203 -4.22 6.61 11.37
N GLY A 204 -3.94 6.64 12.68
CA GLY A 204 -4.76 7.32 13.66
C GLY A 204 -6.02 6.54 14.03
N ASN A 205 -5.91 5.22 14.05
CA ASN A 205 -7.03 4.31 14.28
C ASN A 205 -6.66 3.38 15.46
N LYS A 206 -7.46 3.44 16.52
CA LYS A 206 -7.17 2.69 17.75
C LYS A 206 -7.46 1.18 17.63
N ASP A 207 -8.31 0.80 16.67
CA ASP A 207 -8.59 -0.61 16.39
C ASP A 207 -7.48 -1.31 15.56
N VAL A 208 -6.51 -0.55 15.07
CA VAL A 208 -5.34 -1.09 14.37
C VAL A 208 -4.33 -1.59 15.42
N PRO A 209 -4.03 -2.90 15.42
CA PRO A 209 -3.20 -3.48 16.50
C PRO A 209 -1.68 -3.24 16.43
N VAL A 210 -1.20 -2.47 15.45
CA VAL A 210 0.21 -2.06 15.35
C VAL A 210 0.31 -0.54 15.39
N ASP A 211 1.32 -0.03 16.11
CA ASP A 211 1.59 1.40 16.18
C ASP A 211 2.18 1.92 14.86
N VAL A 212 1.77 3.12 14.46
CA VAL A 212 2.23 3.74 13.21
C VAL A 212 3.74 4.00 13.22
N VAL A 213 4.25 4.43 14.37
CA VAL A 213 5.69 4.68 14.55
C VAL A 213 6.53 3.42 14.31
N ALA A 214 6.02 2.25 14.72
CA ALA A 214 6.70 0.99 14.48
C ALA A 214 6.80 0.66 12.98
N VAL A 215 5.74 0.95 12.22
CA VAL A 215 5.72 0.69 10.78
C VAL A 215 6.55 1.74 10.04
N GLU A 216 6.59 2.97 10.57
CA GLU A 216 7.50 4.01 10.05
C GLU A 216 8.96 3.57 10.14
N ARG A 217 9.35 3.02 11.28
CA ARG A 217 10.72 2.54 11.47
C ARG A 217 11.04 1.33 10.61
N LEU A 218 10.09 0.41 10.48
CA LEU A 218 10.22 -0.72 9.55
C LEU A 218 10.35 -0.25 8.10
N THR A 219 9.54 0.73 7.71
CA THR A 219 9.64 1.33 6.37
C THR A 219 10.99 2.02 6.15
N ALA A 220 11.52 2.68 7.19
CA ALA A 220 12.84 3.32 7.10
C ALA A 220 13.95 2.31 6.77
N GLN A 221 13.85 1.09 7.30
CA GLN A 221 14.76 0.01 6.89
C GLN A 221 14.70 -0.29 5.40
N TYR A 222 13.51 -0.32 4.83
CA TYR A 222 13.36 -0.48 3.37
C TYR A 222 13.98 0.66 2.59
N VAL A 223 13.76 1.89 3.05
CA VAL A 223 14.29 3.09 2.37
C VAL A 223 15.82 3.09 2.40
N GLU A 224 16.42 2.79 3.55
CA GLU A 224 17.88 2.68 3.67
C GLU A 224 18.48 1.59 2.78
N HIS A 225 17.81 0.44 2.73
CA HIS A 225 18.24 -0.67 1.89
C HIS A 225 18.16 -0.36 0.40
N TYR A 226 17.08 0.30 -0.02
CA TYR A 226 16.79 0.52 -1.43
C TYR A 226 17.21 1.87 -2.02
N ALA A 227 17.52 2.86 -1.17
CA ALA A 227 18.05 4.14 -1.64
C ALA A 227 19.53 4.23 -1.35
N VAL A 228 20.34 3.67 -2.25
CA VAL A 228 21.80 3.66 -2.10
C VAL A 228 22.57 4.28 -3.28
N GLY A 229 21.86 4.99 -4.16
CA GLY A 229 22.49 5.69 -5.29
C GLY A 229 22.94 4.80 -6.44
N LYS A 230 22.49 3.55 -6.45
CA LYS A 230 22.92 2.54 -7.42
C LYS A 230 21.91 1.39 -7.41
N PRO A 231 21.92 0.53 -8.45
CA PRO A 231 21.03 -0.64 -8.44
C PRO A 231 21.26 -1.59 -7.26
N VAL A 232 20.16 -2.04 -6.65
CA VAL A 232 20.19 -2.96 -5.53
C VAL A 232 20.27 -4.38 -6.10
N ILE A 233 21.29 -5.14 -5.71
CA ILE A 233 21.47 -6.52 -6.17
C ILE A 233 20.73 -7.46 -5.21
N THR A 234 21.08 -7.38 -3.92
CA THR A 234 20.50 -8.25 -2.91
C THR A 234 19.22 -7.64 -2.33
N GLU A 235 18.11 -8.37 -2.45
CA GLU A 235 16.81 -7.93 -1.94
C GLU A 235 16.74 -8.06 -0.43
N ALA A 236 15.93 -7.21 0.19
CA ALA A 236 15.72 -7.26 1.65
C ALA A 236 14.86 -8.47 2.07
N ASP A 237 14.01 -8.94 1.16
CA ASP A 237 13.06 -10.01 1.44
C ASP A 237 13.49 -11.31 0.75
N ALA A 238 13.12 -12.45 1.36
CA ALA A 238 13.51 -13.77 0.84
C ALA A 238 12.90 -14.06 -0.52
N THR A 239 11.66 -13.63 -0.71
CA THR A 239 11.00 -13.62 -2.03
C THR A 239 10.29 -12.27 -2.21
N PRO A 240 9.95 -11.91 -3.46
CA PRO A 240 9.30 -10.63 -3.74
C PRO A 240 7.95 -10.39 -3.04
N ALA A 241 7.19 -11.46 -2.80
CA ALA A 241 5.85 -11.36 -2.21
C ALA A 241 5.82 -11.58 -0.69
N GLU A 242 6.88 -11.20 0.02
CA GLU A 242 6.88 -11.28 1.49
C GLU A 242 7.72 -10.18 2.12
N VAL A 243 7.62 -10.08 3.44
CA VAL A 243 8.36 -9.11 4.25
C VAL A 243 9.33 -9.85 5.16
N ASN A 244 10.58 -9.38 5.18
CA ASN A 244 11.66 -9.89 6.04
C ASN A 244 11.16 -10.16 7.47
N ARG A 245 11.25 -11.43 7.90
CA ARG A 245 10.78 -11.86 9.22
C ARG A 245 11.58 -11.27 10.39
N ALA A 246 12.90 -11.22 10.24
CA ALA A 246 13.77 -10.65 11.27
C ALA A 246 13.47 -9.16 11.50
N TRP A 247 13.16 -8.45 10.41
CA TRP A 247 12.71 -7.07 10.47
C TRP A 247 11.34 -6.96 11.18
N LEU A 248 10.42 -7.87 10.85
CA LEU A 248 9.13 -7.95 11.57
C LEU A 248 9.30 -8.24 13.06
N GLU A 249 10.13 -9.23 13.38
CA GLU A 249 10.47 -9.56 14.79
C GLU A 249 11.03 -8.34 15.54
N ARG A 250 11.93 -7.61 14.88
CA ARG A 250 12.60 -6.46 15.48
C ARG A 250 11.68 -5.26 15.70
N TYR A 251 10.94 -4.86 14.67
CA TYR A 251 10.13 -3.63 14.71
C TYR A 251 8.67 -3.82 15.14
N ILE A 252 8.07 -4.97 14.80
CA ILE A 252 6.66 -5.26 15.16
C ILE A 252 6.56 -6.16 16.40
N GLY A 253 7.53 -7.05 16.61
CA GLY A 253 7.53 -7.94 17.76
C GLY A 253 7.17 -9.36 17.34
N PRO A 254 6.95 -10.25 18.33
CA PRO A 254 6.63 -11.66 18.03
C PRO A 254 5.38 -11.80 17.16
N GLY A 255 5.37 -12.82 16.29
CA GLY A 255 4.20 -13.13 15.49
C GLY A 255 3.13 -13.79 16.34
N GLY A 256 1.86 -13.52 16.01
CA GLY A 256 0.73 -14.07 16.76
C GLY A 256 0.17 -15.35 16.18
N GLY A 257 -0.93 -15.80 16.77
CA GLY A 257 -1.65 -16.97 16.27
C GLY A 257 -3.00 -17.11 16.93
N CYS A 258 -3.67 -18.21 16.62
CA CYS A 258 -5.02 -18.43 17.11
C CYS A 258 -5.04 -18.66 18.63
N HIS A 259 -5.83 -17.87 19.35
CA HIS A 259 -5.97 -18.02 20.79
C HIS A 259 -6.79 -19.26 21.17
N PHE A 260 -7.61 -19.77 20.26
CA PHE A 260 -8.44 -20.95 20.54
C PHE A 260 -7.67 -22.27 20.40
N CYS A 261 -7.08 -22.51 19.22
CA CYS A 261 -6.38 -23.77 18.91
C CYS A 261 -4.85 -23.69 18.98
N GLY A 262 -4.29 -22.48 19.04
CA GLY A 262 -2.85 -22.30 19.18
C GLY A 262 -2.05 -22.22 17.89
N ALA A 263 -2.70 -22.39 16.73
CA ALA A 263 -2.01 -22.46 15.45
C ALA A 263 -1.73 -21.07 14.85
N LYS A 264 -0.58 -20.94 14.20
CA LYS A 264 -0.25 -19.73 13.44
C LYS A 264 -1.04 -19.75 12.12
N GLY A 265 -1.27 -18.57 11.55
CA GLY A 265 -1.92 -18.44 10.24
C GLY A 265 -3.34 -17.92 10.26
N HIS A 266 -3.98 -17.90 11.42
CA HIS A 266 -5.32 -17.32 11.57
C HIS A 266 -5.62 -16.88 12.99
N THR A 267 -6.66 -16.06 13.15
CA THR A 267 -7.10 -15.59 14.45
C THR A 267 -8.29 -16.42 14.94
N GLU A 268 -8.62 -16.24 16.22
CA GLU A 268 -9.74 -16.91 16.86
C GLU A 268 -11.06 -16.70 16.13
N ALA A 269 -11.28 -15.49 15.64
CA ALA A 269 -12.50 -15.15 14.89
C ALA A 269 -12.66 -15.93 13.58
N GLU A 270 -11.55 -16.36 12.99
CA GLU A 270 -11.54 -17.16 11.76
C GLU A 270 -11.48 -18.67 12.00
N CYS A 271 -11.34 -19.10 13.26
CA CYS A 271 -11.00 -20.50 13.58
C CYS A 271 -12.15 -21.47 13.32
N PHE A 272 -11.93 -22.43 12.42
CA PHE A 272 -12.91 -23.49 12.13
C PHE A 272 -13.10 -24.45 13.31
N LYS A 273 -12.00 -24.77 14.00
CA LYS A 273 -12.08 -25.63 15.19
C LYS A 273 -12.96 -25.05 16.29
N LYS A 274 -12.91 -23.72 16.47
CA LYS A 274 -13.79 -23.06 17.43
C LYS A 274 -15.25 -23.19 17.02
N GLN A 275 -15.56 -22.87 15.76
CA GLN A 275 -16.95 -22.89 15.28
C GLN A 275 -17.53 -24.32 15.18
N ASN A 276 -16.75 -25.25 14.64
CA ASN A 276 -17.16 -26.66 14.53
C ASN A 276 -17.25 -27.36 15.90
N GLY A 277 -16.49 -26.89 16.89
CA GLY A 277 -16.51 -27.44 18.24
C GLY A 277 -17.66 -26.99 19.13
N LYS A 278 -18.41 -25.97 18.70
CA LYS A 278 -19.57 -25.50 19.47
C LYS A 278 -20.69 -26.54 19.49
N ALA A 279 -21.46 -26.54 20.58
CA ALA A 279 -22.61 -27.42 20.71
C ALA A 279 -23.68 -27.04 19.69
N LYS A 280 -24.15 -28.03 18.94
CA LYS A 280 -25.20 -27.87 17.94
C LYS A 280 -26.34 -28.80 18.32
N CYS A 281 -27.56 -28.25 18.46
CA CYS A 281 -28.69 -29.02 18.94
C CYS A 281 -29.20 -29.99 17.89
N SER A 282 -29.14 -31.29 18.21
CA SER A 282 -29.55 -32.34 17.27
C SER A 282 -31.05 -32.32 16.97
N PHE A 283 -31.86 -31.78 17.88
CA PHE A 283 -33.31 -31.70 17.69
C PHE A 283 -33.77 -30.48 16.89
N CYS A 284 -33.28 -29.29 17.25
CA CYS A 284 -33.72 -28.03 16.61
C CYS A 284 -32.69 -27.36 15.69
N GLY A 285 -31.46 -27.86 15.66
CA GLY A 285 -30.43 -27.37 14.74
C GLY A 285 -29.62 -26.15 15.16
N GLU A 286 -30.02 -25.47 16.25
CA GLU A 286 -29.38 -24.21 16.64
C GLU A 286 -28.04 -24.44 17.33
N VAL A 287 -27.06 -23.59 17.03
CA VAL A 287 -25.76 -23.61 17.70
C VAL A 287 -25.93 -22.95 19.08
N GLY A 288 -25.24 -23.49 20.09
CA GLY A 288 -25.25 -22.92 21.45
C GLY A 288 -25.72 -23.83 22.56
N HIS A 289 -26.54 -24.84 22.25
CA HIS A 289 -26.98 -25.84 23.23
C HIS A 289 -27.16 -27.22 22.61
N THR A 290 -27.26 -28.24 23.46
CA THR A 290 -27.47 -29.62 23.04
C THR A 290 -28.94 -30.00 23.21
N ALA A 291 -29.31 -31.14 22.63
CA ALA A 291 -30.71 -31.59 22.63
C ALA A 291 -31.25 -31.87 24.04
N ARG A 292 -30.37 -32.33 24.93
CA ARG A 292 -30.75 -32.59 26.33
C ARG A 292 -31.17 -31.32 27.09
N ASN A 293 -30.68 -30.16 26.66
CA ASN A 293 -31.05 -28.86 27.22
C ASN A 293 -31.99 -28.03 26.34
N CYS A 294 -32.62 -28.67 25.34
CA CYS A 294 -33.45 -27.95 24.37
C CYS A 294 -34.86 -27.77 24.90
N PHE A 295 -35.34 -26.52 24.87
CA PHE A 295 -36.70 -26.19 25.31
C PHE A 295 -37.79 -26.72 24.36
N LYS A 296 -37.47 -26.82 23.07
CA LYS A 296 -38.41 -27.40 22.10
C LYS A 296 -38.63 -28.89 22.36
N LYS A 297 -37.53 -29.64 22.49
CA LYS A 297 -37.58 -31.07 22.77
C LYS A 297 -38.14 -31.39 24.17
N HIS A 298 -37.78 -30.56 25.15
CA HIS A 298 -38.14 -30.78 26.55
C HIS A 298 -38.85 -29.54 27.10
N PRO A 299 -40.16 -29.39 26.82
CA PRO A 299 -40.89 -28.18 27.23
C PRO A 299 -41.08 -28.01 28.75
N GLN A 300 -40.90 -29.09 29.51
CA GLN A 300 -40.80 -29.02 30.98
C GLN A 300 -39.68 -28.10 31.50
N LEU A 301 -38.60 -27.96 30.73
CA LEU A 301 -37.51 -27.01 31.06
C LEU A 301 -37.94 -25.53 30.95
N LEU A 302 -38.81 -25.22 29.99
CA LEU A 302 -39.38 -23.87 29.84
C LEU A 302 -40.50 -23.63 30.85
#